data_6D4V
#
_entry.id   6D4V
#
_cell.length_a   89.800
_cell.length_b   89.800
_cell.length_c   84.940
_cell.angle_alpha   90.00
_cell.angle_beta   90.00
_cell.angle_gamma   90.00
#
_symmetry.space_group_name_H-M   'I 4'
#
loop_
_entity.id
_entity.type
_entity.pdbx_description
1 polymer "Inosine-5'-monophosphate dehydrogenase,Inosine-5'-monophosphate dehydrogenase"
2 non-polymer 'INOSINIC ACID'
3 non-polymer 2-cyclohexyl-1-{4-[(isoquinolin-5-yl)sulfonyl]piperazin-1-yl}ethan-1-one
4 water water
#
_entity_poly.entity_id   1
_entity_poly.type   'polypeptide(L)'
_entity_poly.pdbx_seq_one_letter_code
;GSSIAERSVPIAVPVPTGGDDPTKIAMLGLTFDDVLLLPAASDVLPANADTSSQLTKKIRLKVPLVSSAMDTVTEARMAI
AMARAGGMGVLHRNLPVAEQAAQVETVKRSGGLLVGAAVGVGDDAWERAMALRDAGVDVLVVDTAHAHNRKVLDMVHRLK
TTVGDEIEVVGGNVATRAAAAALVEAGADAVKVGVGPGSICTTRVVAGVGAPQITAILEAVAACAPHGVPVIADGGLQYS
GDIAKALAAGASTAMLGSLLAGTAESPGELILVNGKQFKSYRGMGSLGAMQGRGGAKSYSKDRYFQDDALSEDKLVPEGI
EGRVPFRGPLSTVIHQLVGGLRAAMGYTGSATIEELQQAQFVQITAAGLKESHPHDITMTVEAPNYYAR
;
_entity_poly.pdbx_strand_id   A
#
loop_
_chem_comp.id
_chem_comp.type
_chem_comp.name
_chem_comp.formula
FWM non-polymer 2-cyclohexyl-1-{4-[(isoquinolin-5-yl)sulfonyl]piperazin-1-yl}ethan-1-one 'C21 H27 N3 O3 S'
IMP non-polymer 'INOSINIC ACID' 'C10 H13 N4 O8 P'
#
# COMPACT_ATOMS: atom_id res chain seq x y z
N VAL A 15 -0.25 -34.84 -14.95
CA VAL A 15 -0.55 -33.45 -14.60
C VAL A 15 -1.18 -32.76 -15.81
N PRO A 16 -2.44 -32.33 -15.66
CA PRO A 16 -3.29 -31.87 -16.77
C PRO A 16 -2.69 -30.69 -17.57
N THR A 17 -1.85 -29.88 -16.95
CA THR A 17 -1.26 -28.74 -17.65
C THR A 17 0.17 -28.99 -18.10
N GLY A 18 0.68 -30.21 -17.91
CA GLY A 18 1.97 -30.58 -18.48
C GLY A 18 3.06 -30.96 -17.51
N GLY A 19 3.94 -31.87 -17.93
CA GLY A 19 5.01 -32.33 -17.07
C GLY A 19 4.51 -33.33 -16.05
N ASP A 20 5.35 -33.73 -15.11
CA ASP A 20 4.92 -34.68 -14.07
C ASP A 20 4.87 -34.05 -12.68
N ASP A 21 5.27 -32.79 -12.55
CA ASP A 21 5.39 -32.14 -11.24
C ASP A 21 4.20 -31.23 -10.94
N PRO A 22 3.35 -31.65 -9.98
CA PRO A 22 2.11 -30.94 -9.63
C PRO A 22 2.40 -29.60 -8.94
N THR A 23 3.61 -29.42 -8.44
CA THR A 23 3.97 -28.18 -7.75
C THR A 23 4.56 -27.13 -8.70
N LYS A 24 4.81 -27.49 -9.95
CA LYS A 24 5.41 -26.57 -10.91
C LYS A 24 4.53 -25.32 -11.04
N ILE A 25 3.24 -25.57 -11.23
CA ILE A 25 2.28 -24.49 -11.17
C ILE A 25 1.64 -24.58 -9.78
N ALA A 26 2.19 -23.78 -8.87
CA ALA A 26 1.89 -23.88 -7.44
C ALA A 26 0.47 -23.49 -7.09
N MET A 27 -0.08 -22.48 -7.76
CA MET A 27 -1.40 -21.97 -7.41
C MET A 27 -2.15 -21.34 -8.59
N LEU A 28 -3.43 -21.09 -8.34
CA LEU A 28 -4.26 -20.30 -9.22
C LEU A 28 -4.41 -18.92 -8.59
N GLY A 29 -3.84 -17.89 -9.22
CA GLY A 29 -3.82 -16.56 -8.63
C GLY A 29 -5.03 -15.72 -9.01
N LEU A 30 -5.73 -15.21 -8.00
CA LEU A 30 -6.88 -14.33 -8.23
C LEU A 30 -6.52 -12.86 -8.00
N THR A 31 -7.01 -11.98 -8.86
CA THR A 31 -6.86 -10.56 -8.64
C THR A 31 -8.22 -9.97 -8.25
N PHE A 32 -8.27 -8.67 -8.00
CA PHE A 32 -9.49 -8.04 -7.49
C PHE A 32 -10.72 -8.28 -8.38
N ASP A 33 -10.55 -8.15 -9.69
CA ASP A 33 -11.67 -8.37 -10.62
C ASP A 33 -12.18 -9.83 -10.67
N ASP A 34 -11.42 -10.78 -10.13
CA ASP A 34 -11.84 -12.18 -10.07
C ASP A 34 -12.94 -12.48 -9.05
N VAL A 35 -13.13 -11.59 -8.08
CA VAL A 35 -14.03 -11.87 -6.97
C VAL A 35 -15.01 -10.72 -6.68
N LEU A 36 -16.14 -11.06 -6.07
CA LEU A 36 -17.03 -10.08 -5.48
C LEU A 36 -17.28 -10.46 -4.03
N LEU A 37 -17.49 -9.46 -3.19
CA LEU A 37 -17.91 -9.69 -1.82
C LEU A 37 -19.36 -10.16 -1.77
N LEU A 38 -19.61 -11.22 -1.01
CA LEU A 38 -20.98 -11.67 -0.82
C LEU A 38 -21.67 -10.86 0.26
N PRO A 39 -22.91 -10.42 -0.01
CA PRO A 39 -23.71 -9.82 1.07
C PRO A 39 -23.93 -10.83 2.20
N ALA A 40 -24.10 -10.34 3.43
CA ALA A 40 -24.44 -11.21 4.57
C ALA A 40 -25.39 -10.47 5.51
N ALA A 41 -25.95 -11.20 6.44
CA ALA A 41 -26.85 -10.63 7.42
C ALA A 41 -26.25 -9.38 8.05
N SER A 42 -27.02 -8.31 8.12
CA SER A 42 -26.47 -7.04 8.57
C SER A 42 -27.37 -6.16 9.41
N ASP A 43 -26.81 -5.64 10.48
CA ASP A 43 -27.43 -4.60 11.28
C ASP A 43 -26.61 -3.30 11.18
N VAL A 44 -25.74 -3.22 10.20
CA VAL A 44 -24.78 -2.15 10.09
C VAL A 44 -25.16 -1.09 9.09
N LEU A 45 -25.34 0.11 9.56
CA LEU A 45 -25.53 1.22 8.68
C LEU A 45 -24.17 1.78 8.24
N PRO A 46 -24.04 2.05 6.96
CA PRO A 46 -22.78 2.58 6.40
C PRO A 46 -22.22 3.74 7.23
N ALA A 47 -23.08 4.69 7.58
CA ALA A 47 -22.65 5.88 8.31
C ALA A 47 -22.09 5.57 9.72
N ASN A 48 -22.55 4.49 10.35
CA ASN A 48 -22.12 4.12 11.71
C ASN A 48 -20.99 3.10 11.76
N ALA A 49 -20.64 2.53 10.63
CA ALA A 49 -19.56 1.55 10.56
C ALA A 49 -18.26 2.17 11.06
N ASP A 50 -17.41 1.34 11.65
CA ASP A 50 -16.13 1.76 12.21
C ASP A 50 -15.02 1.42 11.22
N THR A 51 -14.44 2.44 10.59
CA THR A 51 -13.46 2.21 9.53
C THR A 51 -12.01 2.18 10.02
N SER A 52 -11.81 2.33 11.33
CA SER A 52 -10.46 2.32 11.90
C SER A 52 -9.77 0.96 11.76
N SER A 53 -8.44 0.97 11.63
CA SER A 53 -7.70 -0.25 11.36
C SER A 53 -6.22 -0.10 11.69
N GLN A 54 -5.55 -1.21 11.98
CA GLN A 54 -4.12 -1.19 12.28
C GLN A 54 -3.30 -0.97 11.02
N LEU A 55 -2.53 0.10 10.99
CA LEU A 55 -1.49 0.29 9.99
C LEU A 55 -0.30 -0.59 10.35
N THR A 56 0.05 -0.58 11.64
CA THR A 56 1.12 -1.44 12.18
C THR A 56 0.64 -2.04 13.51
N LYS A 57 1.51 -2.78 14.19
CA LYS A 57 1.13 -3.37 15.48
C LYS A 57 0.64 -2.33 16.50
N LYS A 58 1.24 -1.14 16.49
CA LYS A 58 0.91 -0.11 17.47
C LYS A 58 0.03 1.01 16.92
N ILE A 59 0.19 1.33 15.64
CA ILE A 59 -0.50 2.49 15.10
C ILE A 59 -1.83 2.12 14.45
N ARG A 60 -2.91 2.68 15.00
CA ARG A 60 -4.23 2.54 14.39
C ARG A 60 -4.62 3.83 13.65
N LEU A 61 -5.13 3.67 12.43
CA LEU A 61 -5.61 4.78 11.59
C LEU A 61 -7.13 4.88 11.65
N LYS A 62 -7.68 6.09 11.47
CA LYS A 62 -9.12 6.28 11.43
C LYS A 62 -9.71 5.82 10.09
N VAL A 63 -8.92 5.98 9.03
CA VAL A 63 -9.29 5.42 7.74
CA VAL A 63 -9.25 5.51 7.69
C VAL A 63 -8.13 4.59 7.22
N PRO A 64 -8.46 3.37 6.75
CA PRO A 64 -7.42 2.36 6.48
C PRO A 64 -6.69 2.59 5.18
N LEU A 65 -6.23 3.82 4.94
CA LEU A 65 -5.64 4.19 3.65
C LEU A 65 -4.32 4.92 3.83
N VAL A 66 -3.35 4.56 3.00
CA VAL A 66 -2.01 5.12 3.04
C VAL A 66 -1.62 5.51 1.62
N SER A 67 -1.02 6.67 1.41
CA SER A 67 -0.61 7.05 0.05
C SER A 67 0.79 6.52 -0.29
N SER A 68 0.97 6.11 -1.54
CA SER A 68 2.21 5.48 -2.01
C SER A 68 3.44 6.37 -1.89
N ALA A 69 4.59 5.72 -1.66
CA ALA A 69 5.90 6.39 -1.58
C ALA A 69 6.45 6.66 -2.99
N MET A 70 5.80 7.55 -3.70
CA MET A 70 6.13 7.80 -5.09
C MET A 70 6.27 9.30 -5.30
N ASP A 71 7.18 9.72 -6.19
CA ASP A 71 7.42 11.15 -6.34
C ASP A 71 6.35 11.85 -7.16
N THR A 72 5.32 11.13 -7.61
CA THR A 72 4.17 11.80 -8.21
C THR A 72 2.93 11.63 -7.35
N VAL A 73 3.13 11.18 -6.11
CA VAL A 73 2.02 10.93 -5.21
C VAL A 73 2.18 11.64 -3.85
N THR A 74 3.28 11.37 -3.15
CA THR A 74 3.37 11.86 -1.77
C THR A 74 4.62 12.67 -1.45
N GLU A 75 4.44 13.97 -1.27
CA GLU A 75 5.41 14.77 -0.53
C GLU A 75 4.65 15.39 0.64
N ALA A 76 5.21 16.43 1.26
CA ALA A 76 4.66 16.95 2.51
C ALA A 76 3.19 17.33 2.42
N ARG A 77 2.79 17.95 1.32
CA ARG A 77 1.43 18.41 1.18
C ARG A 77 0.44 17.24 1.16
N MET A 78 0.82 16.15 0.51
CA MET A 78 -0.04 14.95 0.52
C MET A 78 -0.06 14.28 1.91
N ALA A 79 1.11 14.11 2.53
CA ALA A 79 1.18 13.47 3.85
C ALA A 79 0.35 14.23 4.89
N ILE A 80 0.32 15.55 4.78
CA ILE A 80 -0.48 16.35 5.69
C ILE A 80 -1.97 16.13 5.42
N ALA A 81 -2.36 16.15 4.15
CA ALA A 81 -3.77 15.97 3.80
C ALA A 81 -4.27 14.57 4.14
N MET A 82 -3.42 13.57 3.90
CA MET A 82 -3.76 12.20 4.27
C MET A 82 -3.98 12.05 5.77
N ALA A 83 -3.06 12.60 6.57
CA ALA A 83 -3.14 12.47 8.02
C ALA A 83 -4.39 13.15 8.56
N ARG A 84 -4.71 14.32 7.99
CA ARG A 84 -5.90 15.06 8.37
C ARG A 84 -7.16 14.33 7.98
N ALA A 85 -7.09 13.58 6.88
CA ALA A 85 -8.23 12.78 6.43
C ALA A 85 -8.37 11.50 7.26
N GLY A 86 -7.38 11.22 8.09
CA GLY A 86 -7.45 10.08 8.99
C GLY A 86 -6.62 8.89 8.54
N GLY A 87 -5.92 9.05 7.42
CA GLY A 87 -4.99 8.05 6.95
C GLY A 87 -3.55 8.46 7.24
N MET A 88 -2.66 8.13 6.32
CA MET A 88 -1.26 8.52 6.47
C MET A 88 -0.62 8.57 5.10
N GLY A 89 0.46 9.34 4.97
CA GLY A 89 1.21 9.35 3.73
C GLY A 89 2.58 8.77 3.98
N VAL A 90 3.17 8.16 2.96
CA VAL A 90 4.54 7.68 3.05
C VAL A 90 5.39 8.48 2.09
N LEU A 91 6.27 9.32 2.64
CA LEU A 91 7.14 10.20 1.85
C LEU A 91 8.10 9.40 0.98
N HIS A 92 8.17 9.74 -0.30
CA HIS A 92 9.05 9.01 -1.20
C HIS A 92 10.51 9.32 -0.89
N ARG A 93 11.42 8.50 -1.42
CA ARG A 93 12.85 8.64 -1.12
C ARG A 93 13.68 9.00 -2.34
N ASN A 94 13.04 9.45 -3.41
CA ASN A 94 13.77 9.85 -4.61
C ASN A 94 14.18 11.32 -4.49
N LEU A 95 15.02 11.61 -3.51
CA LEU A 95 15.46 12.97 -3.22
C LEU A 95 16.52 12.91 -2.13
N PRO A 96 17.28 14.01 -1.95
CA PRO A 96 18.32 13.99 -0.91
C PRO A 96 17.77 13.76 0.50
N VAL A 97 18.54 13.05 1.32
CA VAL A 97 18.15 12.78 2.70
C VAL A 97 17.69 14.04 3.44
N ALA A 98 18.46 15.12 3.34
CA ALA A 98 18.13 16.38 4.01
C ALA A 98 16.77 16.93 3.61
N GLU A 99 16.42 16.76 2.35
CA GLU A 99 15.16 17.20 1.83
C GLU A 99 14.02 16.37 2.38
N GLN A 100 14.20 15.07 2.36
CA GLN A 100 13.17 14.15 2.84
C GLN A 100 12.90 14.41 4.32
N ALA A 101 13.97 14.56 5.08
CA ALA A 101 13.83 14.85 6.52
C ALA A 101 13.16 16.21 6.74
N ALA A 102 13.44 17.17 5.87
CA ALA A 102 12.81 18.47 6.00
C ALA A 102 11.30 18.37 5.76
N GLN A 103 10.89 17.49 4.86
CA GLN A 103 9.46 17.26 4.65
C GLN A 103 8.82 16.61 5.88
N VAL A 104 9.54 15.71 6.54
CA VAL A 104 9.03 15.09 7.77
C VAL A 104 8.74 16.16 8.81
N GLU A 105 9.71 17.05 8.98
CA GLU A 105 9.59 18.15 9.91
C GLU A 105 8.41 19.02 9.56
N THR A 106 8.28 19.35 8.29
CA THR A 106 7.15 20.13 7.77
C THR A 106 5.79 19.52 8.13
N VAL A 107 5.67 18.21 8.02
CA VAL A 107 4.44 17.53 8.41
C VAL A 107 4.19 17.66 9.92
N LYS A 108 5.25 17.49 10.71
CA LYS A 108 5.14 17.58 12.16
C LYS A 108 4.82 19.00 12.62
N ARG A 109 5.34 19.96 11.88
CA ARG A 109 5.08 21.38 12.14
C ARG A 109 3.60 21.73 11.99
N SER A 110 2.84 20.86 11.34
CA SER A 110 1.46 21.19 10.98
C SER A 110 0.44 20.51 11.89
N GLY A 111 0.88 20.12 13.08
CA GLY A 111 0.02 19.44 14.03
C GLY A 111 0.64 18.15 14.51
N GLY A 112 -0.08 17.40 15.34
CA GLY A 112 0.37 16.11 15.79
C GLY A 112 0.01 15.05 14.76
N LEU A 113 0.60 15.17 13.57
CA LEU A 113 0.19 14.38 12.42
C LEU A 113 1.12 13.18 12.21
N LEU A 114 0.51 12.00 12.06
CA LEU A 114 1.25 10.80 11.68
C LEU A 114 1.94 11.00 10.34
N VAL A 115 3.17 10.49 10.21
CA VAL A 115 3.87 10.51 8.92
C VAL A 115 4.85 9.35 8.81
N GLY A 116 4.92 8.75 7.62
CA GLY A 116 5.88 7.71 7.33
C GLY A 116 6.81 8.14 6.21
N ALA A 117 7.91 7.42 6.03
CA ALA A 117 8.95 7.76 5.07
C ALA A 117 9.66 6.51 4.58
N ALA A 118 9.91 6.42 3.28
CA ALA A 118 10.58 5.25 2.68
C ALA A 118 12.11 5.31 2.80
N VAL A 119 12.72 4.16 3.09
CA VAL A 119 14.16 3.99 2.96
C VAL A 119 14.47 2.76 2.13
N GLY A 120 15.67 2.71 1.59
CA GLY A 120 16.11 1.55 0.83
C GLY A 120 16.92 0.63 1.73
N VAL A 121 17.83 -0.15 1.14
CA VAL A 121 18.68 -1.05 1.90
C VAL A 121 20.14 -0.87 1.53
N GLY A 122 20.40 0.13 0.68
CA GLY A 122 21.76 0.49 0.30
C GLY A 122 22.66 0.95 1.45
N ASP A 123 23.75 1.62 1.10
CA ASP A 123 24.71 2.10 2.07
C ASP A 123 24.17 3.33 2.81
N ASP A 124 23.74 4.33 2.06
CA ASP A 124 23.13 5.54 2.64
C ASP A 124 21.75 5.29 3.22
N ALA A 125 21.23 4.10 3.04
CA ALA A 125 19.94 3.73 3.62
C ALA A 125 19.93 3.95 5.13
N TRP A 126 20.92 3.38 5.81
CA TRP A 126 21.02 3.53 7.25
C TRP A 126 21.11 5.01 7.63
N GLU A 127 21.92 5.77 6.94
CA GLU A 127 22.03 7.18 7.24
C GLU A 127 20.72 7.88 7.06
N ARG A 128 20.08 7.56 5.96
CA ARG A 128 18.77 8.16 5.71
C ARG A 128 17.78 7.91 6.86
N ALA A 129 17.69 6.66 7.31
CA ALA A 129 16.75 6.31 8.39
C ALA A 129 17.01 7.05 9.71
N MET A 130 18.28 7.19 10.07
CA MET A 130 18.64 7.91 11.29
C MET A 130 18.21 9.37 11.19
N ALA A 131 18.44 9.96 10.02
CA ALA A 131 18.01 11.33 9.74
C ALA A 131 16.49 11.52 9.84
N LEU A 132 15.75 10.54 9.35
CA LEU A 132 14.29 10.58 9.47
C LEU A 132 13.89 10.44 10.94
N ARG A 133 14.55 9.58 11.66
CA ARG A 133 14.28 9.39 13.06
C ARG A 133 14.46 10.72 13.77
N ASP A 134 15.58 11.37 13.52
CA ASP A 134 15.85 12.67 14.13
C ASP A 134 14.77 13.68 13.77
N ALA A 135 14.20 13.57 12.58
CA ALA A 135 13.17 14.52 12.14
C ALA A 135 11.80 14.26 12.76
N GLY A 136 11.68 13.14 13.46
CA GLY A 136 10.46 12.79 14.17
C GLY A 136 9.49 11.86 13.44
N VAL A 137 9.98 11.11 12.46
CA VAL A 137 9.12 10.22 11.69
C VAL A 137 8.46 9.17 12.60
N ASP A 138 7.24 8.75 12.24
CA ASP A 138 6.53 7.77 13.04
C ASP A 138 6.68 6.35 12.49
N VAL A 139 6.82 6.24 11.18
CA VAL A 139 6.92 4.94 10.52
C VAL A 139 8.04 4.94 9.49
N LEU A 140 8.95 3.98 9.57
CA LEU A 140 9.90 3.80 8.49
C LEU A 140 9.44 2.64 7.62
N VAL A 141 9.35 2.89 6.32
CA VAL A 141 8.98 1.82 5.40
C VAL A 141 10.21 1.39 4.63
N VAL A 142 10.71 0.21 4.93
CA VAL A 142 11.78 -0.36 4.12
C VAL A 142 11.14 -0.80 2.79
N ASP A 143 11.59 -0.16 1.72
CA ASP A 143 10.81 -0.03 0.49
C ASP A 143 11.53 -0.66 -0.70
N THR A 144 11.21 -1.94 -0.95
CA THR A 144 11.80 -2.69 -2.07
C THR A 144 10.73 -3.40 -2.89
N ALA A 145 11.15 -3.93 -4.04
CA ALA A 145 10.26 -4.71 -4.89
C ALA A 145 10.27 -6.19 -4.50
N HIS A 146 11.10 -6.56 -3.53
CA HIS A 146 11.26 -7.97 -3.18
C HIS A 146 11.95 -8.09 -1.84
N ALA A 147 11.14 -8.20 -0.79
CA ALA A 147 11.61 -8.21 0.59
C ALA A 147 12.28 -9.53 0.98
N HIS A 148 12.02 -10.60 0.23
CA HIS A 148 12.55 -11.91 0.63
C HIS A 148 14.03 -12.05 0.24
N ASN A 149 14.87 -11.40 1.03
CA ASN A 149 16.26 -11.15 0.69
C ASN A 149 17.01 -10.80 1.98
N ARG A 150 18.13 -11.44 2.23
CA ARG A 150 18.88 -11.24 3.48
C ARG A 150 19.20 -9.77 3.77
N LYS A 151 19.50 -8.98 2.74
CA LYS A 151 19.80 -7.56 2.96
C LYS A 151 18.57 -6.77 3.44
N VAL A 152 17.40 -7.04 2.86
CA VAL A 152 16.18 -6.37 3.32
C VAL A 152 15.78 -6.85 4.72
N LEU A 153 15.83 -8.16 4.94
CA LEU A 153 15.49 -8.72 6.25
C LEU A 153 16.43 -8.18 7.32
N ASP A 154 17.71 -8.06 7.00
CA ASP A 154 18.67 -7.55 7.97
C ASP A 154 18.43 -6.07 8.25
N MET A 155 17.99 -5.35 7.22
CA MET A 155 17.68 -3.94 7.34
C MET A 155 16.52 -3.73 8.32
N VAL A 156 15.43 -4.45 8.08
CA VAL A 156 14.24 -4.41 8.92
C VAL A 156 14.59 -4.69 10.38
N HIS A 157 15.42 -5.70 10.58
CA HIS A 157 15.80 -6.15 11.92
C HIS A 157 16.70 -5.15 12.64
N ARG A 158 17.73 -4.68 11.98
CA ARG A 158 18.60 -3.68 12.52
C ARG A 158 17.83 -2.46 12.95
N LEU A 159 16.99 -1.94 12.09
CA LEU A 159 16.12 -0.81 12.43
C LEU A 159 15.30 -1.10 13.67
N LYS A 160 14.65 -2.26 13.68
CA LYS A 160 13.77 -2.63 14.79
C LYS A 160 14.52 -2.70 16.11
N THR A 161 15.72 -3.26 16.09
CA THR A 161 16.48 -3.39 17.33
C THR A 161 17.03 -2.03 17.79
N THR A 162 17.31 -1.15 16.83
CA THR A 162 17.90 0.16 17.16
C THR A 162 16.88 1.24 17.55
N VAL A 163 15.84 1.44 16.74
CA VAL A 163 14.89 2.54 16.99
C VAL A 163 13.47 2.05 17.23
N GLY A 164 13.33 0.76 17.43
CA GLY A 164 12.02 0.11 17.44
C GLY A 164 11.04 0.52 18.52
N ASP A 165 11.52 1.13 19.60
CA ASP A 165 10.61 1.49 20.68
C ASP A 165 9.84 2.76 20.35
N GLU A 166 10.43 3.63 19.54
CA GLU A 166 9.83 4.91 19.20
C GLU A 166 9.24 4.90 17.80
N ILE A 167 9.76 4.01 16.94
CA ILE A 167 9.36 3.98 15.55
C ILE A 167 8.87 2.61 15.10
N GLU A 168 7.77 2.59 14.35
CA GLU A 168 7.28 1.35 13.75
C GLU A 168 7.94 1.11 12.39
N VAL A 169 8.37 -0.12 12.16
CA VAL A 169 9.07 -0.47 10.93
C VAL A 169 8.25 -1.38 10.00
N VAL A 170 8.00 -0.89 8.80
CA VAL A 170 7.25 -1.64 7.81
C VAL A 170 8.22 -2.27 6.82
N GLY A 171 7.95 -3.50 6.40
CA GLY A 171 8.75 -4.17 5.40
C GLY A 171 7.90 -4.59 4.21
N GLY A 172 8.52 -4.63 3.04
CA GLY A 172 7.82 -5.00 1.82
C GLY A 172 8.76 -4.88 0.64
N ASN A 173 8.33 -5.34 -0.53
CA ASN A 173 7.02 -5.95 -0.71
C ASN A 173 7.19 -7.46 -0.86
N VAL A 174 6.13 -8.19 -0.56
CA VAL A 174 6.14 -9.63 -0.73
C VAL A 174 4.91 -10.08 -1.48
N ALA A 175 4.98 -11.28 -2.05
CA ALA A 175 3.86 -11.85 -2.79
C ALA A 175 3.57 -13.28 -2.36
N THR A 176 4.37 -13.80 -1.41
CA THR A 176 4.19 -15.18 -0.95
C THR A 176 4.14 -15.30 0.58
N ARG A 177 3.68 -16.46 1.02
CA ARG A 177 3.57 -16.79 2.44
C ARG A 177 4.94 -16.84 3.09
N ALA A 178 5.91 -17.48 2.43
CA ALA A 178 7.22 -17.66 3.05
C ALA A 178 7.95 -16.32 3.21
N ALA A 179 7.79 -15.43 2.24
CA ALA A 179 8.40 -14.09 2.32
C ALA A 179 7.80 -13.28 3.47
N ALA A 180 6.46 -13.28 3.58
CA ALA A 180 5.78 -12.64 4.72
C ALA A 180 6.22 -13.23 6.07
N ALA A 181 6.37 -14.54 6.12
CA ALA A 181 6.82 -15.21 7.35
C ALA A 181 8.23 -14.75 7.72
N ALA A 182 9.09 -14.58 6.72
CA ALA A 182 10.47 -14.17 6.99
C ALA A 182 10.54 -12.75 7.53
N LEU A 183 9.66 -11.86 7.07
CA LEU A 183 9.63 -10.48 7.57
C LEU A 183 9.09 -10.41 8.99
N VAL A 184 8.13 -11.27 9.31
CA VAL A 184 7.61 -11.35 10.66
C VAL A 184 8.72 -11.74 11.61
N GLU A 185 9.40 -12.81 11.27
CA GLU A 185 10.54 -13.30 11.99
C GLU A 185 11.59 -12.20 12.15
N ALA A 186 11.84 -11.44 11.09
CA ALA A 186 12.81 -10.36 11.11
C ALA A 186 12.41 -9.21 12.04
N GLY A 187 11.14 -9.17 12.42
CA GLY A 187 10.66 -8.20 13.39
C GLY A 187 9.76 -7.10 12.84
N ALA A 188 9.24 -7.28 11.62
CA ALA A 188 8.41 -6.26 10.97
C ALA A 188 7.17 -5.95 11.80
N ASP A 189 6.81 -4.68 11.86
CA ASP A 189 5.56 -4.26 12.51
C ASP A 189 4.37 -4.31 11.56
N ALA A 190 4.67 -4.47 10.28
CA ALA A 190 3.64 -4.61 9.25
C ALA A 190 4.32 -5.14 7.99
N VAL A 191 3.57 -5.91 7.22
CA VAL A 191 4.08 -6.48 5.99
C VAL A 191 3.29 -5.90 4.80
N LYS A 192 4.02 -5.39 3.81
CA LYS A 192 3.40 -4.77 2.68
C LYS A 192 3.41 -5.74 1.49
N VAL A 193 2.24 -5.93 0.90
CA VAL A 193 2.05 -6.95 -0.13
C VAL A 193 1.77 -6.37 -1.50
N GLY A 194 2.51 -6.85 -2.49
CA GLY A 194 2.35 -6.39 -3.86
C GLY A 194 3.63 -6.48 -4.67
N VAL A 195 3.79 -7.57 -5.38
CA VAL A 195 4.89 -7.71 -6.33
C VAL A 195 4.29 -7.77 -7.72
N GLY A 196 4.38 -6.67 -8.46
CA GLY A 196 3.83 -6.58 -9.80
C GLY A 196 2.40 -6.10 -10.07
N PRO A 197 1.57 -5.82 -9.05
CA PRO A 197 0.21 -5.46 -9.47
C PRO A 197 -0.04 -3.99 -9.80
N GLY A 198 0.95 -3.11 -9.62
CA GLY A 198 0.73 -1.67 -9.78
C GLY A 198 0.21 -1.28 -11.16
N SER A 199 -0.66 -0.26 -11.21
CA SER A 199 -1.17 0.22 -12.49
C SER A 199 -0.08 0.68 -13.45
N ILE A 200 1.06 1.14 -12.93
CA ILE A 200 2.13 1.61 -13.80
C ILE A 200 3.27 0.61 -13.89
N CYS A 201 3.00 -0.62 -13.47
CA CYS A 201 4.01 -1.65 -13.38
CA CYS A 201 4.02 -1.65 -13.37
C CYS A 201 4.23 -2.41 -14.69
N THR A 202 5.49 -2.70 -15.02
CA THR A 202 5.74 -3.53 -16.20
C THR A 202 6.56 -4.77 -15.84
N THR A 203 6.74 -5.01 -14.54
CA THR A 203 7.48 -6.16 -14.04
C THR A 203 6.97 -7.47 -14.62
N ARG A 204 5.66 -7.58 -14.76
CA ARG A 204 5.05 -8.79 -15.32
C ARG A 204 5.42 -9.03 -16.78
N VAL A 205 5.64 -7.98 -17.58
CA VAL A 205 6.04 -8.24 -18.97
C VAL A 205 7.56 -8.21 -19.13
N VAL A 206 8.23 -7.41 -18.31
CA VAL A 206 9.69 -7.30 -18.40
C VAL A 206 10.41 -8.51 -17.77
N ALA A 207 9.97 -8.90 -16.58
CA ALA A 207 10.61 -10.01 -15.88
C ALA A 207 9.79 -11.30 -15.93
N GLY A 208 8.50 -11.19 -16.25
CA GLY A 208 7.63 -12.34 -16.28
C GLY A 208 7.24 -12.78 -14.86
N VAL A 209 7.45 -11.88 -13.92
CA VAL A 209 7.29 -12.18 -12.50
C VAL A 209 6.08 -11.45 -11.92
N GLY A 210 5.34 -12.11 -11.04
CA GLY A 210 4.24 -11.44 -10.37
C GLY A 210 3.36 -12.37 -9.56
N ALA A 211 2.40 -11.80 -8.86
CA ALA A 211 1.39 -12.60 -8.16
C ALA A 211 0.10 -11.81 -8.03
N PRO A 212 -0.99 -12.30 -8.62
CA PRO A 212 -2.29 -11.63 -8.51
C PRO A 212 -2.62 -11.33 -7.05
N GLN A 213 -3.19 -10.15 -6.81
CA GLN A 213 -3.14 -9.53 -5.48
C GLN A 213 -4.07 -10.17 -4.42
N ILE A 214 -5.24 -10.67 -4.83
CA ILE A 214 -6.13 -11.29 -3.84
C ILE A 214 -5.47 -12.55 -3.26
N THR A 215 -4.96 -13.41 -4.14
CA THR A 215 -4.22 -14.60 -3.73
C THR A 215 -2.98 -14.23 -2.92
N ALA A 216 -2.26 -13.19 -3.35
CA ALA A 216 -1.09 -12.75 -2.59
C ALA A 216 -1.47 -12.29 -1.18
N ILE A 217 -2.61 -11.61 -1.02
CA ILE A 217 -3.02 -11.13 0.29
C ILE A 217 -3.41 -12.29 1.20
N LEU A 218 -4.23 -13.21 0.67
CA LEU A 218 -4.63 -14.41 1.40
C LEU A 218 -3.43 -15.18 1.93
N GLU A 219 -2.39 -15.30 1.10
CA GLU A 219 -1.19 -16.00 1.50
C GLU A 219 -0.39 -15.24 2.55
N ALA A 220 -0.24 -13.93 2.37
CA ALA A 220 0.51 -13.13 3.34
C ALA A 220 -0.18 -13.10 4.68
N VAL A 221 -1.50 -12.95 4.66
CA VAL A 221 -2.27 -12.91 5.87
C VAL A 221 -2.16 -14.25 6.61
N ALA A 222 -2.03 -15.36 5.88
CA ALA A 222 -1.90 -16.67 6.52
C ALA A 222 -0.60 -16.74 7.34
N ALA A 223 0.41 -16.02 6.91
CA ALA A 223 1.68 -15.99 7.62
C ALA A 223 1.72 -14.90 8.68
N CYS A 224 0.98 -13.81 8.46
CA CYS A 224 1.10 -12.62 9.33
C CYS A 224 0.08 -12.53 10.47
N ALA A 225 -1.19 -12.86 10.19
CA ALA A 225 -2.24 -12.73 11.19
C ALA A 225 -1.99 -13.59 12.47
N PRO A 226 -1.47 -14.83 12.33
CA PRO A 226 -1.23 -15.57 13.58
C PRO A 226 -0.22 -14.90 14.52
N HIS A 227 0.58 -13.97 13.99
CA HIS A 227 1.60 -13.27 14.77
C HIS A 227 1.20 -11.85 15.09
N GLY A 228 -0.06 -11.50 14.79
CA GLY A 228 -0.59 -10.19 15.08
C GLY A 228 0.03 -9.07 14.25
N VAL A 229 0.53 -9.41 13.06
CA VAL A 229 1.15 -8.43 12.18
C VAL A 229 0.20 -8.04 11.03
N PRO A 230 -0.18 -6.76 10.95
CA PRO A 230 -1.07 -6.22 9.91
C PRO A 230 -0.48 -6.29 8.51
N VAL A 231 -1.34 -6.51 7.53
CA VAL A 231 -0.91 -6.57 6.15
C VAL A 231 -1.43 -5.35 5.40
N ILE A 232 -0.50 -4.66 4.72
CA ILE A 232 -0.83 -3.52 3.87
C ILE A 232 -0.93 -3.99 2.43
N ALA A 233 -2.10 -3.83 1.84
CA ALA A 233 -2.28 -4.23 0.45
C ALA A 233 -1.84 -3.11 -0.50
N ASP A 234 -0.78 -3.35 -1.27
CA ASP A 234 -0.13 -2.30 -2.02
C ASP A 234 -0.12 -2.54 -3.53
N GLY A 235 -0.97 -1.80 -4.25
CA GLY A 235 -0.91 -1.79 -5.70
C GLY A 235 -2.07 -2.52 -6.32
N GLY A 236 -2.55 -2.00 -7.45
CA GLY A 236 -3.58 -2.66 -8.22
C GLY A 236 -4.99 -2.24 -7.88
N LEU A 237 -5.13 -1.34 -6.91
CA LEU A 237 -6.46 -0.88 -6.52
C LEU A 237 -6.95 0.21 -7.49
N GLN A 238 -8.06 -0.06 -8.17
CA GLN A 238 -8.61 0.82 -9.20
C GLN A 238 -9.90 1.52 -8.79
N TYR A 239 -10.65 0.90 -7.89
CA TYR A 239 -11.96 1.41 -7.51
C TYR A 239 -12.09 1.30 -6.01
N SER A 240 -13.02 2.05 -5.43
CA SER A 240 -13.21 1.99 -3.99
C SER A 240 -13.60 0.56 -3.60
N GLY A 241 -14.30 -0.14 -4.48
CA GLY A 241 -14.63 -1.53 -4.24
C GLY A 241 -13.42 -2.43 -4.01
N ASP A 242 -12.32 -2.18 -4.71
CA ASP A 242 -11.12 -2.98 -4.51
C ASP A 242 -10.55 -2.81 -3.09
N ILE A 243 -10.87 -1.70 -2.44
CA ILE A 243 -10.41 -1.48 -1.09
C ILE A 243 -11.12 -2.44 -0.17
N ALA A 244 -12.44 -2.52 -0.31
CA ALA A 244 -13.21 -3.48 0.47
C ALA A 244 -12.75 -4.91 0.22
N LYS A 245 -12.45 -5.23 -1.05
CA LYS A 245 -12.02 -6.57 -1.40
C LYS A 245 -10.69 -6.92 -0.75
N ALA A 246 -9.75 -5.99 -0.82
CA ALA A 246 -8.43 -6.17 -0.23
C ALA A 246 -8.51 -6.39 1.27
N LEU A 247 -9.37 -5.63 1.95
CA LEU A 247 -9.47 -5.77 3.40
C LEU A 247 -10.19 -7.08 3.75
N ALA A 248 -11.15 -7.46 2.92
CA ALA A 248 -11.91 -8.68 3.17
C ALA A 248 -11.00 -9.90 2.97
N ALA A 249 -10.05 -9.79 2.05
CA ALA A 249 -9.04 -10.84 1.89
C ALA A 249 -8.12 -10.93 3.12
N GLY A 250 -8.19 -9.96 4.02
CA GLY A 250 -7.46 -10.06 5.28
C GLY A 250 -6.51 -8.92 5.54
N ALA A 251 -6.32 -8.03 4.55
CA ALA A 251 -5.45 -6.87 4.72
C ALA A 251 -6.00 -5.91 5.76
N SER A 252 -5.12 -5.15 6.39
CA SER A 252 -5.57 -4.22 7.42
C SER A 252 -5.63 -2.80 6.89
N THR A 253 -4.74 -2.47 5.96
CA THR A 253 -4.83 -1.20 5.23
C THR A 253 -4.57 -1.42 3.74
N ALA A 254 -4.77 -0.37 2.95
CA ALA A 254 -4.40 -0.39 1.54
C ALA A 254 -3.55 0.82 1.21
N MET A 255 -2.55 0.62 0.36
CA MET A 255 -1.73 1.70 -0.12
C MET A 255 -2.17 2.07 -1.54
N LEU A 256 -2.35 3.36 -1.79
CA LEU A 256 -2.89 3.82 -3.08
C LEU A 256 -1.91 4.73 -3.78
N GLY A 257 -1.68 4.46 -5.07
CA GLY A 257 -0.89 5.34 -5.91
C GLY A 257 -1.78 6.06 -6.91
N SER A 258 -2.21 5.33 -7.94
CA SER A 258 -3.01 5.88 -9.03
CA SER A 258 -3.00 5.89 -9.03
C SER A 258 -4.26 6.61 -8.54
N LEU A 259 -4.95 6.03 -7.56
CA LEU A 259 -6.19 6.63 -7.07
C LEU A 259 -5.98 8.00 -6.41
N LEU A 260 -4.74 8.29 -6.02
CA LEU A 260 -4.49 9.55 -5.33
C LEU A 260 -3.63 10.51 -6.17
N ALA A 261 -2.96 9.97 -7.18
CA ALA A 261 -2.06 10.78 -8.01
C ALA A 261 -2.76 11.91 -8.77
N GLY A 262 -4.07 11.83 -8.95
CA GLY A 262 -4.77 12.85 -9.68
C GLY A 262 -5.26 14.01 -8.82
N THR A 263 -4.91 14.01 -7.53
CA THR A 263 -5.47 14.98 -6.61
C THR A 263 -4.65 16.27 -6.57
N ALA A 264 -5.25 17.33 -6.07
CA ALA A 264 -4.61 18.64 -5.97
C ALA A 264 -3.31 18.56 -5.15
N GLU A 265 -3.34 17.75 -4.10
CA GLU A 265 -2.25 17.67 -3.12
C GLU A 265 -1.05 16.86 -3.58
N SER A 266 -1.20 16.07 -4.65
CA SER A 266 -0.05 15.34 -5.19
C SER A 266 0.93 16.31 -5.86
N PRO A 267 2.21 15.93 -5.94
CA PRO A 267 3.19 16.77 -6.65
C PRO A 267 2.90 16.84 -8.15
N GLY A 268 3.39 17.89 -8.80
CA GLY A 268 3.20 18.02 -10.23
C GLY A 268 2.14 19.03 -10.62
N GLU A 269 2.24 19.52 -11.85
CA GLU A 269 1.28 20.50 -12.36
C GLU A 269 0.19 19.81 -13.17
N LEU A 270 -0.89 20.55 -13.42
CA LEU A 270 -1.94 20.12 -14.33
C LEU A 270 -1.39 19.91 -15.74
N ILE A 271 -2.01 19.02 -16.48
CA ILE A 271 -1.69 18.82 -17.88
C ILE A 271 -2.98 18.87 -18.66
N LEU A 272 -3.02 19.69 -19.70
CA LEU A 272 -4.20 19.78 -20.54
C LEU A 272 -4.01 18.93 -21.79
N VAL A 273 -4.87 17.94 -21.98
CA VAL A 273 -4.80 17.14 -23.19
C VAL A 273 -6.20 16.95 -23.79
N ASN A 274 -6.37 17.39 -25.04
CA ASN A 274 -7.67 17.38 -25.70
C ASN A 274 -8.75 17.99 -24.82
N GLY A 275 -8.43 19.12 -24.20
CA GLY A 275 -9.40 19.86 -23.40
C GLY A 275 -9.78 19.21 -22.08
N LYS A 276 -9.01 18.20 -21.67
CA LYS A 276 -9.26 17.53 -20.40
C LYS A 276 -8.05 17.66 -19.48
N GLN A 277 -8.30 17.58 -18.18
CA GLN A 277 -7.23 17.81 -17.20
C GLN A 277 -6.65 16.52 -16.64
N PHE A 278 -5.33 16.45 -16.61
CA PHE A 278 -4.60 15.29 -16.12
C PHE A 278 -3.42 15.71 -15.26
N LYS A 279 -2.82 14.74 -14.56
CA LYS A 279 -1.52 14.93 -13.94
C LYS A 279 -0.63 13.75 -14.32
N SER A 280 0.68 13.95 -14.34
CA SER A 280 1.57 12.84 -14.61
C SER A 280 1.59 11.90 -13.41
N TYR A 281 1.65 10.62 -13.70
CA TYR A 281 1.80 9.59 -12.68
C TYR A 281 2.82 8.61 -13.25
N ARG A 282 3.87 8.32 -12.50
CA ARG A 282 4.94 7.50 -13.05
C ARG A 282 5.50 6.51 -12.02
N GLY A 283 5.91 5.35 -12.53
CA GLY A 283 6.54 4.36 -11.66
C GLY A 283 7.88 4.83 -11.14
N MET A 284 8.26 4.35 -9.95
CA MET A 284 9.58 4.70 -9.41
C MET A 284 10.65 3.83 -10.04
N GLY A 285 10.21 2.85 -10.84
CA GLY A 285 11.09 2.09 -11.68
C GLY A 285 10.96 2.51 -13.15
N SER A 286 10.40 3.67 -13.41
CA SER A 286 10.35 4.19 -14.76
C SER A 286 11.65 4.88 -15.08
N LEU A 287 11.92 5.04 -16.36
CA LEU A 287 13.08 5.72 -16.84
C LEU A 287 13.26 7.07 -16.21
N GLY A 288 12.23 7.88 -16.29
CA GLY A 288 12.30 9.21 -15.78
C GLY A 288 12.59 9.28 -14.30
N ALA A 289 11.99 8.38 -13.53
CA ALA A 289 12.18 8.37 -12.09
C ALA A 289 13.59 7.93 -11.71
N MET A 290 14.17 7.06 -12.54
CA MET A 290 15.51 6.57 -12.26
C MET A 290 16.59 7.57 -12.73
N GLN A 291 16.19 8.57 -13.50
CA GLN A 291 17.12 9.60 -13.99
C GLN A 291 17.04 10.86 -13.15
N LEU A 315 20.12 0.29 -18.45
CA LEU A 315 19.01 0.39 -17.51
C LEU A 315 17.78 -0.34 -18.05
N VAL A 316 17.11 -1.09 -17.18
CA VAL A 316 15.94 -1.88 -17.55
C VAL A 316 14.74 -1.52 -16.66
N PRO A 317 13.91 -0.58 -17.14
CA PRO A 317 12.79 -0.07 -16.36
C PRO A 317 11.70 -1.11 -16.11
N GLU A 318 11.03 -0.99 -14.97
CA GLU A 318 9.94 -1.89 -14.63
C GLU A 318 8.68 -1.10 -14.25
N GLY A 319 8.64 0.15 -14.71
CA GLY A 319 7.46 0.99 -14.59
C GLY A 319 7.35 1.93 -15.78
N ILE A 320 6.16 2.47 -16.04
CA ILE A 320 5.98 3.46 -17.10
C ILE A 320 5.68 4.84 -16.56
N GLU A 321 5.75 5.82 -17.43
CA GLU A 321 5.35 7.17 -17.14
C GLU A 321 4.04 7.45 -17.82
N GLY A 322 3.02 7.75 -17.05
CA GLY A 322 1.71 8.00 -17.63
C GLY A 322 0.98 9.23 -17.09
N ARG A 323 -0.31 9.28 -17.34
CA ARG A 323 -1.19 10.32 -16.88
C ARG A 323 -2.38 9.74 -16.18
N VAL A 324 -2.94 10.48 -15.25
CA VAL A 324 -4.22 10.12 -14.64
C VAL A 324 -5.11 11.35 -14.67
N PRO A 325 -6.44 11.16 -14.66
CA PRO A 325 -7.31 12.34 -14.66
C PRO A 325 -7.22 13.15 -13.37
N PHE A 326 -7.30 14.48 -13.51
CA PHE A 326 -7.34 15.36 -12.35
C PHE A 326 -8.64 15.14 -11.61
N ARG A 327 -8.53 14.90 -10.32
CA ARG A 327 -9.65 14.54 -9.53
C ARG A 327 -10.03 15.54 -8.44
N GLY A 328 -9.31 16.63 -8.32
CA GLY A 328 -9.65 17.65 -7.35
C GLY A 328 -9.04 17.41 -5.98
N PRO A 329 -9.66 17.97 -4.95
CA PRO A 329 -9.10 17.90 -3.59
C PRO A 329 -9.02 16.47 -3.04
N LEU A 330 -7.96 16.17 -2.29
CA LEU A 330 -7.80 14.85 -1.67
C LEU A 330 -8.97 14.49 -0.76
N SER A 331 -9.38 15.46 0.05
CA SER A 331 -10.42 15.24 1.04
C SER A 331 -11.67 14.64 0.39
N THR A 332 -11.99 15.13 -0.80
CA THR A 332 -13.14 14.65 -1.54
C THR A 332 -12.93 13.26 -2.15
N VAL A 333 -11.74 13.02 -2.69
CA VAL A 333 -11.43 11.67 -3.17
C VAL A 333 -11.49 10.65 -2.02
N ILE A 334 -10.89 10.98 -0.87
CA ILE A 334 -10.93 10.09 0.28
C ILE A 334 -12.35 9.87 0.76
N HIS A 335 -13.18 10.90 0.72
N HIS A 335 -13.23 10.86 0.69
CA HIS A 335 -14.57 10.75 1.11
CA HIS A 335 -14.62 10.74 1.09
C HIS A 335 -15.30 9.71 0.25
C HIS A 335 -15.39 9.75 0.24
N GLN A 336 -15.09 9.77 -1.04
CA GLN A 336 -15.66 8.83 -1.95
C GLN A 336 -15.21 7.38 -1.73
N LEU A 337 -13.92 7.20 -1.65
CA LEU A 337 -13.37 5.87 -1.42
C LEU A 337 -13.90 5.29 -0.11
N VAL A 338 -13.93 6.09 0.94
CA VAL A 338 -14.37 5.61 2.25
C VAL A 338 -15.87 5.32 2.19
N GLY A 339 -16.60 6.15 1.46
CA GLY A 339 -18.02 5.93 1.25
C GLY A 339 -18.30 4.56 0.64
N GLY A 340 -17.46 4.16 -0.30
CA GLY A 340 -17.61 2.88 -0.96
C GLY A 340 -17.35 1.74 0.02
N LEU A 341 -16.32 1.91 0.85
CA LEU A 341 -15.98 0.95 1.89
C LEU A 341 -17.13 0.78 2.87
N ARG A 342 -17.68 1.92 3.32
CA ARG A 342 -18.79 1.89 4.29
C ARG A 342 -19.99 1.14 3.74
N ALA A 343 -20.27 1.34 2.47
CA ALA A 343 -21.37 0.63 1.80
C ALA A 343 -21.10 -0.88 1.84
N ALA A 344 -19.85 -1.26 1.57
CA ALA A 344 -19.47 -2.65 1.62
C ALA A 344 -19.67 -3.23 3.02
N MET A 345 -19.34 -2.44 4.02
CA MET A 345 -19.46 -2.88 5.40
C MET A 345 -20.94 -3.02 5.75
N GLY A 346 -21.75 -2.15 5.16
CA GLY A 346 -23.20 -2.28 5.27
C GLY A 346 -23.74 -3.58 4.66
N TYR A 347 -23.35 -3.85 3.41
CA TYR A 347 -23.79 -5.06 2.71
C TYR A 347 -23.33 -6.35 3.40
N THR A 348 -22.13 -6.33 3.94
CA THR A 348 -21.55 -7.55 4.52
C THR A 348 -21.77 -7.70 6.02
N GLY A 349 -22.45 -6.73 6.64
CA GLY A 349 -22.73 -6.77 8.06
C GLY A 349 -21.49 -6.64 8.92
N SER A 350 -20.47 -5.98 8.40
CA SER A 350 -19.23 -5.78 9.14
C SER A 350 -19.27 -4.46 9.91
N ALA A 351 -19.30 -4.56 11.23
CA ALA A 351 -19.36 -3.38 12.08
C ALA A 351 -18.00 -2.69 12.13
N THR A 352 -16.95 -3.48 11.95
CA THR A 352 -15.58 -3.03 12.07
C THR A 352 -14.74 -3.61 10.95
N ILE A 353 -13.53 -3.09 10.75
CA ILE A 353 -12.64 -3.65 9.74
C ILE A 353 -12.31 -5.09 10.09
N GLU A 354 -12.12 -5.36 11.37
CA GLU A 354 -11.84 -6.72 11.82
C GLU A 354 -12.92 -7.72 11.40
N GLU A 355 -14.16 -7.29 11.39
CA GLU A 355 -15.25 -8.11 10.91
C GLU A 355 -15.24 -8.28 9.38
N LEU A 356 -15.00 -7.20 8.67
CA LEU A 356 -14.90 -7.23 7.20
C LEU A 356 -13.86 -8.25 6.74
N GLN A 357 -12.78 -8.36 7.51
CA GLN A 357 -11.73 -9.34 7.23
C GLN A 357 -12.22 -10.79 7.30
N GLN A 358 -13.41 -11.00 7.87
CA GLN A 358 -13.99 -12.34 7.93
C GLN A 358 -15.08 -12.57 6.88
N ALA A 359 -15.27 -11.60 5.98
CA ALA A 359 -16.26 -11.73 4.92
C ALA A 359 -15.87 -12.79 3.86
N GLN A 360 -16.85 -13.22 3.06
CA GLN A 360 -16.61 -14.22 2.03
C GLN A 360 -16.76 -13.68 0.62
N PHE A 361 -16.08 -14.32 -0.33
CA PHE A 361 -16.12 -13.94 -1.74
C PHE A 361 -16.88 -14.94 -2.59
N VAL A 362 -17.39 -14.48 -3.74
CA VAL A 362 -17.79 -15.40 -4.80
C VAL A 362 -16.81 -15.19 -5.97
N GLN A 363 -16.29 -16.27 -6.53
CA GLN A 363 -15.44 -16.12 -7.69
C GLN A 363 -16.32 -15.93 -8.92
N ILE A 364 -15.96 -14.99 -9.78
CA ILE A 364 -16.74 -14.77 -10.99
C ILE A 364 -15.95 -15.16 -12.24
N THR A 365 -16.65 -15.22 -13.37
CA THR A 365 -16.02 -15.63 -14.62
C THR A 365 -15.76 -14.41 -15.48
N ALA A 366 -15.17 -14.64 -16.65
CA ALA A 366 -14.91 -13.55 -17.59
C ALA A 366 -16.20 -12.79 -17.92
N ALA A 367 -17.29 -13.53 -18.12
CA ALA A 367 -18.57 -12.95 -18.50
C ALA A 367 -19.09 -11.96 -17.45
N GLY A 368 -18.72 -12.16 -16.19
CA GLY A 368 -19.16 -11.27 -15.12
C GLY A 368 -18.30 -10.04 -14.95
P IMP B . -1.19 1.60 -8.08
O1P IMP B . -1.94 0.48 -8.78
O2P IMP B . -0.93 2.72 -9.05
O3P IMP B . -2.01 2.17 -6.96
O5' IMP B . 0.17 1.00 -7.55
C5' IMP B . 0.90 1.71 -6.57
C4' IMP B . 2.08 0.84 -6.05
O4' IMP B . 2.84 0.32 -7.23
C3' IMP B . 3.05 1.53 -5.38
O3' IMP B . 2.74 1.76 -4.00
C2' IMP B . 4.41 0.57 -5.54
O2' IMP B . 4.35 -0.56 -4.59
C1' IMP B . 4.38 0.10 -6.69
N9 IMP B . 5.26 0.77 -7.64
C8 IMP B . 5.69 2.03 -7.61
N7 IMP B . 6.48 2.25 -8.68
C5 IMP B . 6.53 1.11 -9.41
C6 IMP B . 7.21 0.75 -10.71
O6 IMP B . 7.88 1.54 -11.31
N1 IMP B . 7.07 -0.57 -11.23
C2 IMP B . 6.27 -1.51 -10.52
N3 IMP B . 5.59 -1.16 -9.28
C4 IMP B . 5.75 0.19 -8.75
C15 FWM C . 12.98 -3.18 -9.77
C20 FWM C . 8.11 -2.41 -7.55
C21 FWM C . 8.21 -3.26 -8.69
C22 FWM C . 7.40 -4.42 -8.77
C24 FWM C . 6.44 -3.95 -6.63
C26 FWM C . 7.11 -1.92 -5.35
C28 FWM C . 8.77 -0.41 -6.28
O01 FWM C . 16.12 -3.04 -8.21
C02 FWM C . 15.24 -3.44 -8.89
C03 FWM C . 15.35 -4.75 -9.71
C04 FWM C . 15.45 -5.98 -8.81
C05 FWM C . 14.41 -5.88 -7.70
C06 FWM C . 14.30 -7.14 -6.84
C07 FWM C . 15.11 -8.31 -7.40
C08 FWM C . 14.91 -8.48 -8.88
C09 FWM C . 15.33 -7.24 -9.68
N10 FWM C . 14.05 -2.70 -8.97
C11 FWM C . 13.93 -1.52 -8.23
C12 FWM C . 12.54 -1.09 -7.85
N13 FWM C . 11.45 -1.67 -8.64
C14 FWM C . 11.85 -2.23 -9.89
S16 FWM C . 10.04 -0.73 -8.74
O17 FWM C . 9.48 -0.88 -10.06
O18 FWM C . 10.33 0.70 -8.65
C19 FWM C . 8.88 -1.22 -7.42
N23 FWM C . 6.55 -4.75 -7.77
C25 FWM C . 7.23 -2.76 -6.53
C27 FWM C . 7.88 -0.78 -5.23
#